data_4WRI
#
_entry.id   4WRI
#
_cell.length_a   42.970
_cell.length_b   64.620
_cell.length_c   145.240
_cell.angle_alpha   90.000
_cell.angle_beta   90.000
_cell.angle_gamma   90.000
#
_symmetry.space_group_name_H-M   'C 2 2 21'
#
loop_
_entity.id
_entity.type
_entity.pdbx_description
1 polymer 'Okadaic acid binding protein 2-alpha'
2 non-polymer 'OKADAIC ACID'
3 water water
#
_entity_poly.entity_id   1
_entity_poly.type   'polypeptide(L)'
_entity_poly.pdbx_seq_one_letter_code
;GILANL(MLY)EPSAHWCRKMRTVFRPWDVEGGS(MLY)GYVTEEVF(MLY)DGVQRRLE(MLY)FPELAPT(MLY)D
(MLY)MYERSHRHWVNHCNLGV(MLY)MPEGYRLTESQYVQNAWLLIHSPDFEASL(MLY)ESSQTFWEGIDRE(MLY)
(MLY)GYIT(MLY)EEAT(MLY)LGIRVT(MLY)DPNL(MLY)STGIFEAMDE(MLY)NTGRITFEDTL(MLY)AQLFFF
TDQDNTTHPFNYVRGALVD
;
_entity_poly.pdbx_strand_id   A
#
# COMPACT_ATOMS: atom_id res chain seq x y z
N LEU A 6 22.79 3.40 -6.55
CA LEU A 6 22.06 2.17 -6.25
C LEU A 6 22.25 1.13 -7.33
N GLU A 8 20.11 -2.14 -9.36
CA GLU A 8 18.82 -2.17 -10.07
C GLU A 8 17.85 -3.09 -9.38
N PRO A 9 16.57 -2.69 -9.35
CA PRO A 9 15.57 -3.60 -8.78
C PRO A 9 15.36 -4.83 -9.66
N SER A 10 14.92 -5.92 -9.05
CA SER A 10 14.53 -7.09 -9.81
C SER A 10 13.26 -6.83 -10.60
N ALA A 11 13.06 -7.59 -11.66
CA ALA A 11 11.85 -7.51 -12.44
C ALA A 11 10.63 -7.78 -11.57
N HIS A 12 10.79 -8.70 -10.63
CA HIS A 12 9.69 -9.05 -9.76
C HIS A 12 9.32 -7.89 -8.86
N TRP A 13 10.30 -7.20 -8.30
CA TRP A 13 10.02 -6.05 -7.47
C TRP A 13 9.33 -4.96 -8.29
N CYS A 14 9.77 -4.74 -9.52
CA CYS A 14 9.08 -3.74 -10.33
C CYS A 14 7.62 -4.09 -10.58
N ARG A 15 7.34 -5.37 -10.76
CA ARG A 15 5.98 -5.84 -10.91
C ARG A 15 5.18 -5.55 -9.65
N LYS A 16 5.78 -5.79 -8.49
CA LYS A 16 5.09 -5.44 -7.26
C LYS A 16 4.79 -3.91 -7.22
N MET A 17 5.72 -3.07 -7.65
CA MET A 17 5.47 -1.63 -7.60
C MET A 17 4.41 -1.21 -8.62
N ARG A 18 4.37 -1.85 -9.78
CA ARG A 18 3.28 -1.61 -10.72
C ARG A 18 1.95 -2.00 -10.09
N THR A 19 1.98 -3.00 -9.20
CA THR A 19 0.75 -3.44 -8.53
C THR A 19 0.28 -2.39 -7.52
N VAL A 20 1.22 -1.69 -6.90
CA VAL A 20 0.87 -0.55 -6.05
C VAL A 20 0.25 0.58 -6.87
N PHE A 21 0.84 0.88 -8.01
CA PHE A 21 0.46 2.07 -8.79
C PHE A 21 -0.86 1.88 -9.53
N ARG A 22 -1.12 0.64 -9.98
CA ARG A 22 -2.27 0.40 -10.86
C ARG A 22 -3.62 0.93 -10.36
N PRO A 23 -3.97 0.65 -9.09
CA PRO A 23 -5.28 1.17 -8.65
C PRO A 23 -5.35 2.70 -8.68
N TRP A 24 -4.23 3.37 -8.41
CA TRP A 24 -4.21 4.83 -8.49
C TRP A 24 -4.38 5.28 -9.92
N ASP A 25 -3.69 4.62 -10.86
CA ASP A 25 -3.86 4.91 -12.28
C ASP A 25 -5.35 4.77 -12.63
N VAL A 26 -5.96 3.67 -12.24
CA VAL A 26 -7.37 3.46 -12.55
C VAL A 26 -8.26 4.57 -11.96
N GLU A 27 -8.00 4.94 -10.71
CA GLU A 27 -8.73 6.05 -10.07
C GLU A 27 -8.66 7.34 -10.89
N GLY A 28 -7.50 7.60 -11.46
CA GLY A 28 -7.26 8.80 -12.22
C GLY A 28 -7.72 8.75 -13.66
N GLY A 29 -8.37 7.67 -14.03
CA GLY A 29 -8.88 7.55 -15.39
C GLY A 29 -8.09 6.66 -16.33
N SER A 30 -7.16 5.89 -15.78
CA SER A 30 -6.35 4.97 -16.58
C SER A 30 -5.56 5.69 -17.66
N GLY A 32 -2.27 6.37 -17.39
CA GLY A 32 -0.86 5.99 -17.32
C GLY A 32 -0.05 6.87 -16.39
N TYR A 33 -0.68 7.89 -15.85
CA TYR A 33 -0.07 8.79 -14.89
C TYR A 33 -1.09 9.20 -13.85
N VAL A 34 -0.59 9.70 -12.73
CA VAL A 34 -1.42 10.26 -11.66
C VAL A 34 -0.92 11.67 -11.31
N THR A 35 -1.78 12.43 -10.65
CA THR A 35 -1.47 13.80 -10.24
C THR A 35 -1.89 13.97 -8.79
N GLU A 36 -1.52 15.10 -8.20
CA GLU A 36 -1.93 15.46 -6.84
C GLU A 36 -3.44 15.43 -6.74
N GLU A 37 -4.12 15.87 -7.80
CA GLU A 37 -5.58 15.93 -7.78
C GLU A 37 -6.22 14.55 -7.70
N VAL A 38 -5.58 13.54 -8.29
CA VAL A 38 -6.13 12.18 -8.22
C VAL A 38 -6.22 11.74 -6.77
N PHE A 39 -5.17 12.04 -6.00
CA PHE A 39 -5.18 11.65 -4.60
C PHE A 39 -6.12 12.49 -3.76
N ASP A 41 -8.94 13.87 -4.88
CA ASP A 41 -10.26 13.34 -5.20
C ASP A 41 -10.47 11.98 -4.56
N GLY A 42 -9.38 11.25 -4.32
CA GLY A 42 -9.49 9.90 -3.78
C GLY A 42 -9.89 9.86 -2.32
N VAL A 43 -9.88 11.00 -1.66
CA VAL A 43 -10.25 11.07 -0.25
C VAL A 43 -11.70 10.67 -0.05
N GLN A 44 -12.60 11.26 -0.84
CA GLN A 44 -14.01 10.90 -0.78
C GLN A 44 -14.25 9.43 -1.09
N ARG A 45 -13.58 8.91 -2.12
CA ARG A 45 -13.67 7.50 -2.47
C ARG A 45 -13.30 6.58 -1.30
N ARG A 46 -12.22 6.93 -0.60
CA ARG A 46 -11.75 6.16 0.56
C ARG A 46 -12.71 6.22 1.74
N LEU A 47 -13.32 7.39 1.96
CA LEU A 47 -14.32 7.50 3.03
C LEU A 47 -15.56 6.67 2.76
N GLU A 48 -15.95 6.57 1.50
CA GLU A 48 -17.05 5.69 1.13
C GLU A 48 -16.72 4.22 1.25
N PHE A 50 -14.19 2.89 3.10
CA PHE A 50 -13.73 2.58 4.43
C PHE A 50 -14.29 3.59 5.41
N PRO A 51 -15.56 3.41 5.76
CA PRO A 51 -16.13 4.36 6.71
C PRO A 51 -15.51 4.26 8.09
N GLU A 52 -14.68 3.24 8.34
CA GLU A 52 -13.85 3.21 9.52
C GLU A 52 -12.90 4.40 9.62
N LEU A 53 -12.63 5.03 8.48
CA LEU A 53 -11.79 6.22 8.45
C LEU A 53 -12.54 7.49 8.79
N ALA A 54 -13.86 7.44 8.87
CA ALA A 54 -14.66 8.65 9.11
C ALA A 54 -14.29 9.45 10.37
N PRO A 55 -13.97 8.77 11.49
CA PRO A 55 -13.59 9.55 12.68
C PRO A 55 -12.37 10.45 12.50
N THR A 56 -11.53 10.15 11.52
CA THR A 56 -10.36 10.98 11.25
C THR A 56 -10.42 11.60 9.88
N ASP A 58 -11.03 14.47 8.91
CA ASP A 58 -10.44 15.81 8.82
C ASP A 58 -8.94 15.78 8.59
N MET A 60 -7.63 13.55 6.37
CA MET A 60 -7.42 12.84 5.11
C MET A 60 -6.80 13.70 4.02
N TYR A 61 -7.18 14.97 3.91
CA TYR A 61 -6.58 15.77 2.85
C TYR A 61 -5.08 15.92 3.07
N GLU A 62 -4.65 16.09 4.31
CA GLU A 62 -3.22 16.12 4.59
C GLU A 62 -2.55 14.80 4.26
N ARG A 63 -3.22 13.69 4.57
CA ARG A 63 -2.66 12.38 4.24
C ARG A 63 -2.50 12.23 2.73
N SER A 64 -3.48 12.68 1.95
CA SER A 64 -3.36 12.59 0.51
C SER A 64 -2.21 13.46 0.00
N HIS A 65 -2.11 14.66 0.52
CA HIS A 65 -1.09 15.58 0.07
C HIS A 65 0.31 15.11 0.44
N ARG A 66 0.48 14.59 1.65
CA ARG A 66 1.75 14.03 2.08
C ARG A 66 2.10 12.79 1.27
N HIS A 67 1.09 12.00 0.92
CA HIS A 67 1.34 10.83 0.09
C HIS A 67 1.93 11.28 -1.25
N TRP A 68 1.33 12.29 -1.87
CA TRP A 68 1.82 12.83 -3.14
C TRP A 68 3.23 13.35 -3.02
N VAL A 69 3.49 14.18 -2.01
CA VAL A 69 4.80 14.83 -1.91
C VAL A 69 5.86 13.85 -1.42
N ASN A 70 5.60 13.17 -0.30
CA ASN A 70 6.64 12.38 0.36
C ASN A 70 6.83 10.95 -0.15
N HIS A 71 5.73 10.28 -0.46
CA HIS A 71 5.83 8.89 -0.92
C HIS A 71 6.05 8.84 -2.42
N CYS A 72 5.19 9.53 -3.17
CA CYS A 72 5.26 9.47 -4.61
C CYS A 72 6.40 10.26 -5.24
N ASN A 73 6.77 11.37 -4.61
CA ASN A 73 7.68 12.33 -5.23
C ASN A 73 8.88 12.65 -4.37
N LEU A 74 9.23 11.75 -3.46
CA LEU A 74 10.52 11.76 -2.75
C LEU A 74 10.72 13.00 -1.89
N GLY A 75 9.62 13.61 -1.47
CA GLY A 75 9.67 14.79 -0.61
C GLY A 75 9.76 16.09 -1.37
N VAL A 76 9.76 16.01 -2.69
CA VAL A 76 9.94 17.21 -3.50
C VAL A 76 8.62 17.87 -3.88
N MET A 78 6.60 19.37 -6.44
CA MET A 78 6.59 19.36 -7.90
C MET A 78 5.66 20.45 -8.42
N PRO A 79 5.82 20.86 -9.69
CA PRO A 79 5.00 21.95 -10.26
C PRO A 79 3.53 21.59 -10.29
N GLU A 80 2.65 22.59 -10.28
CA GLU A 80 1.23 22.35 -10.40
C GLU A 80 0.98 21.64 -11.72
N GLY A 81 0.15 20.60 -11.69
CA GLY A 81 -0.14 19.82 -12.87
C GLY A 81 0.85 18.72 -13.18
N TYR A 82 1.86 18.53 -12.33
CA TYR A 82 2.86 17.49 -12.58
C TYR A 82 2.20 16.12 -12.72
N ARG A 83 2.60 15.37 -13.75
CA ARG A 83 2.04 14.07 -14.05
C ARG A 83 3.03 12.95 -13.79
N LEU A 84 2.83 12.17 -12.74
CA LEU A 84 3.75 11.10 -12.38
C LEU A 84 3.36 9.83 -13.10
N THR A 85 4.27 9.31 -13.94
CA THR A 85 3.95 8.12 -14.71
C THR A 85 4.20 6.83 -13.94
N GLU A 86 3.63 5.73 -14.43
CA GLU A 86 3.84 4.44 -13.78
C GLU A 86 5.31 4.07 -13.63
N SER A 87 6.08 4.20 -14.71
CA SER A 87 7.48 3.77 -14.64
C SER A 87 8.27 4.67 -13.72
N GLN A 88 7.87 5.93 -13.66
CA GLN A 88 8.55 6.86 -12.77
C GLN A 88 8.25 6.53 -11.30
N TYR A 89 7.00 6.17 -11.00
CA TYR A 89 6.71 5.77 -9.64
C TYR A 89 7.59 4.60 -9.23
N VAL A 90 7.76 3.64 -10.15
CA VAL A 90 8.58 2.47 -9.83
C VAL A 90 10.02 2.89 -9.44
N GLN A 91 10.62 3.79 -10.21
CA GLN A 91 11.97 4.22 -9.90
C GLN A 91 12.01 5.11 -8.67
N ASN A 92 10.96 5.91 -8.43
CA ASN A 92 10.93 6.72 -7.22
C ASN A 92 10.80 5.82 -5.98
N ALA A 93 10.00 4.77 -6.09
CA ALA A 93 9.86 3.81 -4.98
C ALA A 93 11.18 3.11 -4.72
N TRP A 94 11.96 2.90 -5.77
CA TRP A 94 13.27 2.28 -5.58
C TRP A 94 14.16 3.15 -4.69
N LEU A 95 14.19 4.45 -4.96
CA LEU A 95 14.93 5.36 -4.10
C LEU A 95 14.32 5.40 -2.70
N LEU A 96 12.99 5.39 -2.63
CA LEU A 96 12.30 5.55 -1.36
C LEU A 96 12.62 4.42 -0.38
N ILE A 97 12.68 3.18 -0.87
CA ILE A 97 12.85 2.06 0.04
C ILE A 97 14.29 1.98 0.54
N HIS A 98 15.18 2.79 -0.04
CA HIS A 98 16.55 2.87 0.45
C HIS A 98 16.71 3.95 1.52
N SER A 99 15.66 4.73 1.77
CA SER A 99 15.71 5.75 2.80
C SER A 99 15.72 5.11 4.18
N PRO A 100 16.57 5.63 5.08
CA PRO A 100 16.68 5.09 6.44
C PRO A 100 15.35 5.07 7.19
N ASP A 101 14.44 5.98 6.83
CA ASP A 101 13.17 6.09 7.53
C ASP A 101 12.00 5.42 6.81
N PHE A 102 12.29 4.65 5.77
CA PHE A 102 11.19 4.03 5.01
C PHE A 102 10.31 3.12 5.86
N GLU A 103 10.92 2.22 6.62
CA GLU A 103 10.15 1.28 7.43
C GLU A 103 9.23 2.04 8.37
N ALA A 104 9.73 3.09 8.99
CA ALA A 104 8.93 3.92 9.89
C ALA A 104 7.80 4.62 9.17
N SER A 105 8.02 5.03 7.92
CA SER A 105 6.97 5.71 7.17
C SER A 105 5.81 4.76 6.87
N LEU A 106 6.13 3.52 6.50
CA LEU A 106 5.10 2.52 6.26
C LEU A 106 4.33 2.28 7.54
N GLU A 108 3.88 4.27 10.20
CA GLU A 108 3.06 5.42 10.53
C GLU A 108 1.80 5.48 9.67
N SER A 109 1.94 5.26 8.37
CA SER A 109 0.77 5.22 7.50
C SER A 109 -0.16 4.08 7.89
N SER A 110 0.41 2.92 8.15
CA SER A 110 -0.42 1.76 8.49
C SER A 110 -1.19 1.99 9.79
N GLN A 111 -0.56 2.69 10.74
CA GLN A 111 -1.22 3.05 12.00
C GLN A 111 -2.49 3.83 11.76
N THR A 112 -2.51 4.72 10.78
CA THR A 112 -3.74 5.47 10.50
C THR A 112 -4.90 4.56 10.09
N PHE A 113 -4.61 3.50 9.36
CA PHE A 113 -5.66 2.57 8.97
C PHE A 113 -6.05 1.69 10.15
N TRP A 114 -5.03 1.19 10.84
CA TRP A 114 -5.23 0.24 11.93
C TRP A 114 -6.07 0.83 13.05
N GLU A 115 -5.92 2.13 13.30
CA GLU A 115 -6.66 2.79 14.38
C GLU A 115 -8.14 2.96 14.05
N GLY A 116 -8.50 2.85 12.77
CA GLY A 116 -9.89 2.91 12.38
C GLY A 116 -10.59 1.57 12.51
N ILE A 117 -9.83 0.49 12.42
CA ILE A 117 -10.42 -0.84 12.46
C ILE A 117 -10.23 -1.49 13.82
N ASP A 118 -9.40 -0.88 14.65
CA ASP A 118 -9.10 -1.43 15.97
C ASP A 118 -9.30 -0.30 16.98
N ARG A 119 -10.57 0.07 17.18
CA ARG A 119 -10.94 1.24 17.97
C ARG A 119 -10.61 1.08 19.45
N GLU A 120 -10.66 -0.15 19.94
CA GLU A 120 -10.35 -0.43 21.34
C GLU A 120 -8.84 -0.50 21.57
N GLY A 123 -4.64 -4.12 19.30
CA GLY A 123 -3.40 -4.48 18.63
C GLY A 123 -3.58 -5.67 17.68
N TYR A 124 -4.78 -6.20 17.62
CA TYR A 124 -5.06 -7.36 16.76
C TYR A 124 -6.52 -7.35 16.33
N ILE A 125 -6.82 -8.20 15.36
CA ILE A 125 -8.19 -8.48 14.95
C ILE A 125 -8.29 -9.97 14.67
N THR A 126 -9.50 -10.51 14.51
CA THR A 126 -9.58 -11.93 14.24
C THR A 126 -9.13 -12.22 12.81
N GLU A 128 -10.72 -14.07 10.63
CA GLU A 128 -11.85 -13.89 9.75
C GLU A 128 -12.12 -12.43 9.42
N GLU A 129 -12.02 -11.56 10.43
CA GLU A 129 -12.14 -10.11 10.24
C GLU A 129 -11.04 -9.61 9.29
N ALA A 130 -9.81 -10.08 9.51
CA ALA A 130 -8.67 -9.71 8.64
C ALA A 130 -8.90 -10.12 7.20
N THR A 131 -9.53 -11.27 7.00
CA THR A 131 -9.81 -11.77 5.67
C THR A 131 -10.82 -10.88 4.97
N LEU A 133 -11.58 -7.75 5.74
CA LEU A 133 -11.00 -6.41 5.56
C LEU A 133 -9.95 -6.43 4.44
N GLY A 134 -9.15 -7.49 4.38
CA GLY A 134 -8.16 -7.61 3.31
C GLY A 134 -8.78 -7.64 1.93
N ILE A 135 -9.90 -8.34 1.80
CA ILE A 135 -10.60 -8.37 0.53
C ILE A 135 -11.08 -6.96 0.15
N ARG A 136 -11.55 -6.21 1.15
CA ARG A 136 -11.97 -4.83 0.92
C ARG A 136 -10.80 -3.95 0.52
N VAL A 137 -9.67 -4.09 1.21
CA VAL A 137 -8.48 -3.26 0.96
C VAL A 137 -7.92 -3.51 -0.44
N THR A 138 -7.83 -4.78 -0.80
CA THR A 138 -7.13 -5.19 -2.02
C THR A 138 -8.03 -5.28 -3.23
N ASP A 140 -9.34 -7.87 -4.04
CA ASP A 140 -9.08 -9.22 -4.55
C ASP A 140 -10.03 -10.21 -3.89
N PRO A 141 -11.06 -10.64 -4.61
CA PRO A 141 -12.01 -11.56 -3.99
C PRO A 141 -11.39 -12.92 -3.63
N ASN A 142 -10.23 -13.22 -4.22
CA ASN A 142 -9.54 -14.48 -3.98
C ASN A 142 -8.39 -14.37 -2.98
N LEU A 143 -8.37 -13.30 -2.19
CA LEU A 143 -7.25 -13.08 -1.28
C LEU A 143 -6.99 -14.23 -0.32
N SER A 145 -7.15 -17.43 -0.72
CA SER A 145 -6.42 -18.51 -1.40
C SER A 145 -4.96 -18.18 -1.66
N THR A 146 -4.53 -16.94 -1.39
CA THR A 146 -3.12 -16.60 -1.53
C THR A 146 -2.27 -17.20 -0.41
N GLY A 147 -2.91 -17.70 0.64
CA GLY A 147 -2.17 -18.23 1.77
C GLY A 147 -1.69 -17.18 2.77
N ILE A 148 -1.97 -15.92 2.49
CA ILE A 148 -1.37 -14.87 3.32
C ILE A 148 -1.83 -14.92 4.79
N PHE A 149 -3.05 -15.36 5.05
CA PHE A 149 -3.52 -15.40 6.44
C PHE A 149 -2.87 -16.52 7.23
N GLU A 150 -2.57 -17.63 6.55
CA GLU A 150 -1.82 -18.72 7.18
C GLU A 150 -0.37 -18.31 7.42
N ALA A 151 0.21 -17.57 6.48
CA ALA A 151 1.61 -17.19 6.60
C ALA A 151 1.82 -16.15 7.70
N MET A 152 0.83 -15.28 7.89
CA MET A 152 0.88 -14.31 8.97
C MET A 152 0.66 -14.95 10.34
N ASP A 153 -0.38 -15.77 10.43
CA ASP A 153 -0.74 -16.45 11.68
C ASP A 153 -0.09 -17.83 11.73
N GLU A 154 1.24 -17.86 11.77
CA GLU A 154 1.98 -19.12 11.65
C GLU A 154 1.76 -20.08 12.82
N ASN A 156 -1.32 -20.35 14.29
CA ASN A 156 -2.75 -20.64 14.29
C ASN A 156 -3.54 -20.13 15.50
N THR A 157 -3.23 -18.91 15.93
CA THR A 157 -3.90 -18.29 17.06
C THR A 157 -5.31 -17.82 16.70
N GLY A 158 -5.58 -17.70 15.42
CA GLY A 158 -6.82 -17.10 14.94
C GLY A 158 -6.81 -15.59 15.03
N ARG A 159 -5.66 -15.04 15.38
CA ARG A 159 -5.50 -13.60 15.47
C ARG A 159 -4.56 -13.14 14.37
N ILE A 160 -4.78 -11.91 13.91
CA ILE A 160 -3.82 -11.24 13.04
C ILE A 160 -3.45 -9.95 13.75
N THR A 161 -2.17 -9.78 14.03
CA THR A 161 -1.74 -8.60 14.76
C THR A 161 -1.32 -7.47 13.81
N PHE A 162 -1.27 -6.25 14.34
CA PHE A 162 -0.76 -5.13 13.58
C PHE A 162 0.63 -5.45 13.06
N GLU A 163 1.48 -6.02 13.91
CA GLU A 163 2.84 -6.37 13.52
C GLU A 163 2.91 -7.44 12.43
N ASP A 164 1.98 -8.41 12.45
CA ASP A 164 1.88 -9.38 11.36
C ASP A 164 1.71 -8.67 10.03
N THR A 165 0.80 -7.70 9.99
CA THR A 165 0.52 -7.02 8.73
C THR A 165 1.69 -6.14 8.32
N LEU A 166 2.37 -5.53 9.27
CA LEU A 166 3.57 -4.76 8.95
C LEU A 166 4.67 -5.61 8.36
N ALA A 168 4.34 -8.44 6.67
CA ALA A 168 3.96 -8.85 5.32
C ALA A 168 4.16 -7.69 4.37
N GLN A 169 3.77 -6.49 4.79
CA GLN A 169 3.87 -5.32 3.95
C GLN A 169 5.33 -4.91 3.69
N LEU A 170 6.18 -5.03 4.71
CA LEU A 170 7.58 -4.66 4.54
C LEU A 170 8.25 -5.63 3.57
N PHE A 171 7.94 -6.93 3.67
CA PHE A 171 8.41 -7.90 2.68
C PHE A 171 7.98 -7.49 1.28
N PHE A 172 6.71 -7.16 1.13
CA PHE A 172 6.18 -6.79 -0.18
C PHE A 172 6.95 -5.60 -0.76
N PHE A 173 7.20 -4.58 0.04
CA PHE A 173 7.82 -3.36 -0.48
C PHE A 173 9.33 -3.47 -0.69
N THR A 174 9.97 -4.49 -0.14
CA THR A 174 11.43 -4.56 -0.18
C THR A 174 12.04 -5.82 -0.75
N ASP A 175 11.38 -6.98 -0.61
CA ASP A 175 12.00 -8.22 -1.07
C ASP A 175 12.22 -8.22 -2.60
N GLN A 176 13.34 -8.80 -3.02
CA GLN A 176 13.69 -8.79 -4.43
C GLN A 176 13.41 -10.08 -5.17
N ASP A 177 13.65 -11.21 -4.52
CA ASP A 177 13.76 -12.47 -5.29
C ASP A 177 12.88 -13.62 -4.87
N ASN A 178 12.17 -13.48 -3.75
CA ASN A 178 11.26 -14.53 -3.34
C ASN A 178 9.87 -14.35 -3.99
N THR A 179 9.62 -15.05 -5.08
CA THR A 179 8.41 -14.81 -5.85
C THR A 179 7.23 -15.67 -5.42
N THR A 180 7.45 -16.62 -4.52
CA THR A 180 6.39 -17.56 -4.21
C THR A 180 5.76 -17.32 -2.82
N HIS A 181 6.44 -16.58 -1.95
CA HIS A 181 5.92 -16.37 -0.58
C HIS A 181 4.57 -15.65 -0.59
N PRO A 182 3.62 -16.07 0.28
CA PRO A 182 2.32 -15.40 0.29
C PRO A 182 2.35 -13.89 0.59
N PHE A 183 3.40 -13.38 1.22
CA PHE A 183 3.46 -11.96 1.52
C PHE A 183 3.54 -11.14 0.23
N ASN A 184 3.87 -11.77 -0.89
CA ASN A 184 3.80 -11.11 -2.19
C ASN A 184 2.40 -10.57 -2.50
N TYR A 185 1.38 -11.10 -1.82
CA TYR A 185 0.01 -10.80 -2.16
C TYR A 185 -0.67 -9.91 -1.14
N VAL A 186 0.11 -9.18 -0.36
CA VAL A 186 -0.46 -8.31 0.67
C VAL A 186 -1.32 -7.20 0.06
N ARG A 187 -1.09 -6.85 -1.21
CA ARG A 187 -1.93 -5.90 -1.92
C ARG A 187 -2.83 -6.55 -2.95
N GLY A 188 -2.98 -7.88 -2.83
CA GLY A 188 -3.81 -8.63 -3.78
C GLY A 188 -3.04 -9.16 -4.99
N ALA A 189 -3.76 -9.76 -5.92
CA ALA A 189 -3.13 -10.33 -7.11
C ALA A 189 -2.23 -9.31 -7.83
N LEU A 190 -1.06 -9.76 -8.29
CA LEU A 190 -0.15 -8.87 -8.98
C LEU A 190 -0.64 -8.55 -10.38
N VAL A 191 -0.36 -7.33 -10.84
CA VAL A 191 -0.61 -7.00 -12.24
C VAL A 191 0.55 -7.50 -13.09
N ASP A 192 0.42 -7.39 -14.41
CA ASP A 192 1.51 -7.82 -15.27
C ASP A 192 2.76 -6.97 -15.09
#